data_4DFP
#
_entry.id   4DFP
#
_cell.length_a   108.448
_cell.length_b   108.448
_cell.length_c   90.435
_cell.angle_alpha   90.00
_cell.angle_beta   90.00
_cell.angle_gamma   120.00
#
_symmetry.space_group_name_H-M   'P 31 2 1'
#
loop_
_entity.id
_entity.type
_entity.pdbx_description
1 polymer 'DNA polymerase I, thermostable'
2 polymer "DNA (5'-D(*GP*AP*CP*CP*AP*CP*GP*GP*CP*GP*CP*(DOC))-3')"
3 polymer "5'-d(AAACGGCGCCGTGGTC)-3'"
4 non-polymer 'MAGNESIUM ION'
5 non-polymer 1,2-ETHANEDIOL
6 non-polymer 'FORMIC ACID'
7 non-polymer 2-amino-5-(5-aminopent-1-yn-1-yl)-7-{2-deoxy-5-O-[(S)-hydroxy{[(S)-hydroxy(phosphonooxy)phosphoryl]oxy}phosphoryl]-beta-D-erythro-pentofuranosyl}-3,7-dihydro-4H-pyrrolo[2,3-d]pyrimidin-4-one
8 water water
#
loop_
_entity_poly.entity_id
_entity_poly.type
_entity_poly.pdbx_seq_one_letter_code
_entity_poly.pdbx_strand_id
1 'polypeptide(L)'
;ALEEAPWPPPEGAFVGFVLSRKEPMWADLLALAAARGGRVHRAPEPYKALRDLKEARGLLAKDLSVLALREGLGLPPGDD
PMLLAYLLDPSNTTPEGVARRYGGEWTEEAGERAALSERLFANLWGRLEGEERLLWLYREVERPLSAVLAHMEATGVRLD
VAYLRALSLEVAEEIARLEAEVFRLAGHPFNLNSRDQLERVLFDELGLPAIGKTEKTGKRSTSAAVLEALREAHPIVEKI
LQYRELTKLKSTYIDPLPDLIHPRTGRLHTRFNQTATATGRLSSSDPNLQNIPVRTPLGQRIRRAFIAEEGWLLVALDYS
QIELRVLAHLSGDENLIRVFQEGRDIHTETASWMFGVPREAVDPLMRRAAKTINFGVLYGMSAHRLSQELAIPYEEAQAF
IERYFQSFPKVRAWIEKTLEEGRRRGYVETLFGRRRYVPDLEARVKSVREAAERMAFNMPVQGTAADLMKLAMVKLFPRL
EEMGARMLLQVHDELVLEAPKERAEAVARLAKEVMEGVYPLAVPLEVEVGIGEDWLSAKE
;
A
2 'polydeoxyribonucleotide' (DG)(DA)(DC)(DC)(DA)(DC)(DG)(DG)(DC)(DG)(DC)(DOC) B
3 'polydeoxyribonucleotide' (DA)(DA)(DA)(DC)(DG)(DG)(DC)(DG)(DC)(DC)(DG)(DT)(DG)(DG)(DT)(DC) C
#
loop_
_chem_comp.id
_chem_comp.type
_chem_comp.name
_chem_comp.formula
0L7 non-polymer 2-amino-5-(5-aminopent-1-yn-1-yl)-7-{2-deoxy-5-O-[(S)-hydroxy{[(S)-hydroxy(phosphonooxy)phosphoryl]oxy}phosphoryl]-beta-D-erythro-pentofuranosyl}-3,7-dihydro-4H-pyrrolo[2,3-d]pyrimidin-4-one 'C16 H24 N5 O13 P3'
DA DNA linking 2'-DEOXYADENOSINE-5'-MONOPHOSPHATE 'C10 H14 N5 O6 P'
DC DNA linking 2'-DEOXYCYTIDINE-5'-MONOPHOSPHATE 'C9 H14 N3 O7 P'
DG DNA linking 2'-DEOXYGUANOSINE-5'-MONOPHOSPHATE 'C10 H14 N5 O7 P'
DOC DNA linking 2',3'-DIDEOXYCYTIDINE-5'-MONOPHOSPHATE 'C9 H14 N3 O6 P'
DT DNA linking THYMIDINE-5'-MONOPHOSPHATE 'C10 H15 N2 O8 P'
EDO non-polymer 1,2-ETHANEDIOL 'C2 H6 O2'
FMT non-polymer 'FORMIC ACID' 'C H2 O2'
MG non-polymer 'MAGNESIUM ION' 'Mg 2'
#
# COMPACT_ATOMS: atom_id res chain seq x y z
N LEU A 2 -28.01 -9.76 -25.04
N LEU A 2 -26.83 -9.02 -27.60
CA LEU A 2 -27.88 -9.12 -26.34
CA LEU A 2 -27.88 -9.27 -26.61
C LEU A 2 -29.16 -8.41 -26.75
C LEU A 2 -29.18 -8.56 -26.99
N GLU A 3 -30.30 -9.06 -26.48
CA GLU A 3 -31.60 -8.48 -26.75
C GLU A 3 -31.88 -7.31 -25.81
N GLU A 4 -32.18 -6.15 -26.38
CA GLU A 4 -32.47 -4.96 -25.58
C GLU A 4 -33.80 -5.12 -24.84
N ALA A 5 -33.77 -4.82 -23.55
CA ALA A 5 -34.95 -4.95 -22.70
C ALA A 5 -35.06 -3.75 -21.77
N PRO A 6 -36.29 -3.38 -21.38
CA PRO A 6 -36.48 -2.20 -20.53
C PRO A 6 -35.97 -2.39 -19.11
N TRP A 7 -35.49 -1.30 -18.51
CA TRP A 7 -35.11 -1.27 -17.11
C TRP A 7 -36.39 -1.45 -16.30
N PRO A 8 -36.31 -2.10 -15.13
CA PRO A 8 -35.14 -2.65 -14.42
C PRO A 8 -34.80 -4.09 -14.82
N PRO A 9 -33.57 -4.53 -14.51
CA PRO A 9 -33.12 -5.90 -14.76
C PRO A 9 -33.57 -6.84 -13.64
N PRO A 10 -33.56 -8.16 -13.91
CA PRO A 10 -33.86 -9.14 -12.87
C PRO A 10 -32.77 -9.21 -11.82
N GLU A 11 -33.03 -9.91 -10.72
CA GLU A 11 -32.05 -10.08 -9.66
C GLU A 11 -30.90 -10.98 -10.14
N GLY A 12 -29.67 -10.62 -9.77
CA GLY A 12 -28.51 -11.40 -10.15
C GLY A 12 -27.86 -10.90 -11.43
N ALA A 13 -28.40 -9.80 -11.98
CA ALA A 13 -27.87 -9.24 -13.22
C ALA A 13 -26.52 -8.57 -13.01
N PHE A 14 -25.69 -8.59 -14.06
CA PHE A 14 -24.37 -7.97 -14.02
C PHE A 14 -24.43 -6.53 -14.51
N VAL A 15 -23.87 -5.61 -13.73
CA VAL A 15 -23.93 -4.20 -14.09
C VAL A 15 -22.76 -3.72 -14.94
N GLY A 16 -23.04 -2.70 -15.75
CA GLY A 16 -22.01 -1.97 -16.48
C GLY A 16 -22.31 -0.50 -16.28
N PHE A 17 -21.27 0.33 -16.23
CA PHE A 17 -21.46 1.75 -15.93
C PHE A 17 -20.31 2.60 -16.45
N VAL A 18 -20.59 3.87 -16.70
CA VAL A 18 -19.59 4.82 -17.16
C VAL A 18 -19.52 6.04 -16.26
N LEU A 19 -18.33 6.31 -15.73
CA LEU A 19 -18.12 7.46 -14.86
C LEU A 19 -17.41 8.57 -15.61
N SER A 20 -17.69 9.83 -15.24
CA SER A 20 -17.06 10.98 -15.86
C SER A 20 -15.57 11.02 -15.55
N ARG A 21 -15.19 10.43 -14.41
CA ARG A 21 -13.78 10.34 -14.02
C ARG A 21 -13.56 9.08 -13.19
N LYS A 22 -12.31 8.70 -13.01
CA LYS A 22 -11.97 7.42 -12.39
C LYS A 22 -12.35 7.34 -10.90
N GLU A 23 -12.30 8.47 -10.21
CA GLU A 23 -12.56 8.48 -8.78
C GLU A 23 -14.06 8.45 -8.49
N PRO A 24 -14.54 7.35 -7.89
CA PRO A 24 -15.98 7.16 -7.63
C PRO A 24 -16.60 8.22 -6.72
N MET A 25 -15.81 8.78 -5.81
CA MET A 25 -16.33 9.83 -4.91
C MET A 25 -16.48 11.17 -5.61
N TRP A 26 -15.87 11.31 -6.78
CA TRP A 26 -15.90 12.57 -7.52
C TRP A 26 -16.60 12.43 -8.87
N ALA A 27 -16.94 11.21 -9.24
CA ALA A 27 -17.45 10.92 -10.57
C ALA A 27 -18.93 11.20 -10.73
N ASP A 28 -19.31 11.59 -11.95
CA ASP A 28 -20.70 11.69 -12.34
C ASP A 28 -21.10 10.39 -13.05
N LEU A 29 -22.20 9.79 -12.62
CA LEU A 29 -22.68 8.56 -13.23
C LEU A 29 -23.33 8.86 -14.58
N LEU A 30 -22.56 8.69 -15.65
CA LEU A 30 -23.03 9.05 -17.00
C LEU A 30 -24.01 8.03 -17.56
N ALA A 31 -23.77 6.75 -17.30
CA ALA A 31 -24.62 5.69 -17.82
C ALA A 31 -24.61 4.47 -16.92
N LEU A 32 -25.71 3.71 -16.96
CA LEU A 32 -25.83 2.49 -16.17
C LEU A 32 -26.61 1.45 -16.95
N ALA A 33 -26.14 0.21 -16.91
CA ALA A 33 -26.80 -0.88 -17.61
C ALA A 33 -26.64 -2.19 -16.87
N ALA A 34 -27.41 -3.20 -17.28
CA ALA A 34 -27.32 -4.51 -16.67
C ALA A 34 -27.60 -5.63 -17.67
N ALA A 35 -26.95 -6.77 -17.48
CA ALA A 35 -27.07 -7.90 -18.39
C ALA A 35 -27.43 -9.18 -17.64
N ARG A 36 -28.38 -9.93 -18.20
CA ARG A 36 -28.81 -11.20 -17.64
C ARG A 36 -29.70 -11.95 -18.61
N GLY A 37 -29.48 -13.26 -18.73
CA GLY A 37 -30.33 -14.13 -19.52
C GLY A 37 -30.46 -13.72 -20.98
N GLY A 38 -29.34 -13.31 -21.57
CA GLY A 38 -29.33 -12.92 -22.98
C GLY A 38 -29.99 -11.59 -23.24
N ARG A 39 -30.17 -10.79 -22.18
CA ARG A 39 -30.78 -9.47 -22.32
C ARG A 39 -29.93 -8.38 -21.70
N VAL A 40 -30.02 -7.18 -22.26
CA VAL A 40 -29.32 -6.02 -21.73
C VAL A 40 -30.31 -4.89 -21.43
N HIS A 41 -30.30 -4.41 -20.20
CA HIS A 41 -31.22 -3.35 -19.77
C HIS A 41 -30.46 -2.05 -19.59
N ARG A 42 -30.82 -1.03 -20.37
CA ARG A 42 -30.17 0.26 -20.27
C ARG A 42 -31.03 1.27 -19.50
N ALA A 43 -30.42 1.90 -18.50
CA ALA A 43 -31.13 2.84 -17.65
C ALA A 43 -31.22 4.22 -18.29
N PRO A 44 -32.44 4.70 -18.51
CA PRO A 44 -32.65 6.04 -19.07
C PRO A 44 -32.22 7.11 -18.08
N GLU A 45 -32.33 6.80 -16.79
CA GLU A 45 -31.94 7.73 -15.73
C GLU A 45 -31.08 7.01 -14.70
N PRO A 46 -29.75 7.05 -14.89
CA PRO A 46 -28.73 6.31 -14.14
C PRO A 46 -28.84 6.42 -12.62
N TYR A 47 -28.89 7.64 -12.10
CA TYR A 47 -28.89 7.84 -10.64
C TYR A 47 -30.08 7.19 -9.94
N LYS A 48 -31.28 7.41 -10.46
CA LYS A 48 -32.48 6.81 -9.87
C LYS A 48 -32.49 5.30 -10.06
N ALA A 49 -31.90 4.85 -11.16
CA ALA A 49 -31.86 3.42 -11.49
C ALA A 49 -31.07 2.59 -10.48
N LEU A 50 -30.14 3.24 -9.78
CA LEU A 50 -29.32 2.58 -8.77
C LEU A 50 -30.18 1.96 -7.67
N ARG A 51 -31.31 2.61 -7.38
CA ARG A 51 -32.22 2.16 -6.33
C ARG A 51 -32.83 0.79 -6.66
N ASP A 52 -32.85 0.44 -7.95
CA ASP A 52 -33.44 -0.81 -8.39
C ASP A 52 -32.51 -2.00 -8.21
N LEU A 53 -31.24 -1.73 -7.94
CA LEU A 53 -30.24 -2.77 -7.81
C LEU A 53 -30.15 -3.32 -6.39
N LYS A 54 -30.01 -4.63 -6.27
CA LYS A 54 -29.85 -5.28 -4.97
C LYS A 54 -28.38 -5.31 -4.58
N GLU A 55 -27.51 -5.35 -5.59
CA GLU A 55 -26.07 -5.35 -5.37
C GLU A 55 -25.35 -4.93 -6.65
N ALA A 56 -24.11 -4.46 -6.50
CA ALA A 56 -23.28 -4.14 -7.65
C ALA A 56 -22.45 -5.35 -8.03
N ARG A 57 -22.87 -6.02 -9.10
CA ARG A 57 -22.23 -7.26 -9.53
C ARG A 57 -21.61 -7.07 -10.91
N GLY A 58 -20.29 -7.11 -10.98
CA GLY A 58 -19.60 -6.94 -12.24
C GLY A 58 -18.23 -6.30 -12.12
N LEU A 59 -17.66 -5.91 -13.25
CA LEU A 59 -16.34 -5.29 -13.29
C LEU A 59 -16.32 -3.99 -12.49
N LEU A 60 -15.29 -3.83 -11.65
CA LEU A 60 -15.10 -2.64 -10.83
C LEU A 60 -16.31 -2.37 -9.94
N ALA A 61 -16.88 -3.44 -9.39
CA ALA A 61 -18.09 -3.35 -8.58
C ALA A 61 -17.98 -2.36 -7.41
N LYS A 62 -16.80 -2.31 -6.80
CA LYS A 62 -16.58 -1.41 -5.66
C LYS A 62 -16.79 0.06 -6.03
N ASP A 63 -16.36 0.45 -7.22
CA ASP A 63 -16.50 1.83 -7.67
C ASP A 63 -17.96 2.29 -7.69
N LEU A 64 -18.83 1.47 -8.27
CA LEU A 64 -20.25 1.80 -8.34
C LEU A 64 -20.86 1.82 -6.93
N SER A 65 -20.42 0.89 -6.09
CA SER A 65 -20.89 0.80 -4.72
C SER A 65 -20.50 2.05 -3.92
N VAL A 66 -19.26 2.50 -4.11
CA VAL A 66 -18.80 3.72 -3.45
C VAL A 66 -19.64 4.93 -3.87
N LEU A 67 -19.93 5.02 -5.15
CA LEU A 67 -20.75 6.11 -5.66
C LEU A 67 -22.17 6.03 -5.09
N ALA A 68 -22.67 4.81 -4.94
CA ALA A 68 -23.99 4.59 -4.37
C ALA A 68 -24.03 5.03 -2.91
N LEU A 69 -23.02 4.63 -2.15
CA LEU A 69 -22.89 5.03 -0.75
C LEU A 69 -22.78 6.54 -0.62
N ARG A 70 -22.09 7.17 -1.57
CA ARG A 70 -21.95 8.62 -1.62
C ARG A 70 -23.32 9.29 -1.72
N GLU A 71 -24.23 8.63 -2.44
CA GLU A 71 -25.57 9.17 -2.67
C GLU A 71 -26.58 8.68 -1.62
N GLY A 72 -26.07 8.08 -0.54
CA GLY A 72 -26.91 7.63 0.55
C GLY A 72 -27.66 6.34 0.25
N LEU A 73 -27.09 5.52 -0.63
CA LEU A 73 -27.71 4.25 -1.01
C LEU A 73 -26.84 3.09 -0.54
N GLY A 74 -27.41 2.22 0.28
CA GLY A 74 -26.68 1.07 0.81
C GLY A 74 -26.55 -0.06 -0.19
N LEU A 75 -25.83 0.19 -1.27
CA LEU A 75 -25.64 -0.80 -2.32
C LEU A 75 -24.27 -1.45 -2.18
N PRO A 76 -24.25 -2.73 -1.78
CA PRO A 76 -22.97 -3.44 -1.59
C PRO A 76 -22.43 -4.01 -2.90
N PRO A 77 -21.10 -4.11 -3.02
CA PRO A 77 -20.51 -4.75 -4.20
C PRO A 77 -20.55 -6.27 -4.04
N GLY A 78 -20.74 -6.97 -5.15
CA GLY A 78 -20.79 -8.42 -5.13
C GLY A 78 -19.68 -9.01 -5.97
N ASP A 79 -20.02 -9.99 -6.79
CA ASP A 79 -19.05 -10.62 -7.68
C ASP A 79 -18.39 -9.60 -8.61
N ASP A 80 -17.08 -9.75 -8.78
CA ASP A 80 -16.30 -8.88 -9.66
C ASP A 80 -15.26 -9.74 -10.36
N PRO A 81 -15.36 -9.85 -11.69
CA PRO A 81 -14.42 -10.64 -12.49
C PRO A 81 -12.97 -10.21 -12.28
N MET A 82 -12.75 -8.94 -11.97
CA MET A 82 -11.41 -8.44 -11.68
C MET A 82 -10.78 -9.19 -10.52
N LEU A 83 -11.58 -9.48 -9.50
CA LEU A 83 -11.08 -10.20 -8.32
C LEU A 83 -10.71 -11.64 -8.65
N LEU A 84 -11.50 -12.27 -9.52
CA LEU A 84 -11.21 -13.64 -9.96
C LEU A 84 -9.90 -13.69 -10.76
N ALA A 85 -9.76 -12.76 -11.70
CA ALA A 85 -8.58 -12.72 -12.55
C ALA A 85 -7.32 -12.42 -11.76
N TYR A 86 -7.45 -11.52 -10.78
CA TYR A 86 -6.32 -11.11 -9.95
C TYR A 86 -5.80 -12.28 -9.12
N LEU A 87 -6.72 -13.13 -8.66
CA LEU A 87 -6.36 -14.31 -7.89
C LEU A 87 -5.68 -15.36 -8.77
N LEU A 88 -6.16 -15.49 -10.00
CA LEU A 88 -5.53 -16.40 -10.96
C LEU A 88 -4.12 -15.95 -11.30
N ASP A 89 -3.96 -14.64 -11.45
CA ASP A 89 -2.69 -14.03 -11.85
C ASP A 89 -2.71 -12.56 -11.48
N PRO A 90 -1.90 -12.16 -10.49
CA PRO A 90 -1.90 -10.78 -9.98
C PRO A 90 -1.37 -9.76 -10.97
N SER A 91 -0.95 -10.21 -12.15
CA SER A 91 -0.58 -9.28 -13.22
C SER A 91 -1.85 -8.81 -13.93
N ASN A 92 -2.98 -9.44 -13.61
CA ASN A 92 -4.28 -8.98 -14.07
C ASN A 92 -4.75 -7.83 -13.21
N THR A 93 -4.45 -6.60 -13.64
CA THR A 93 -4.72 -5.43 -12.82
C THR A 93 -5.72 -4.45 -13.44
N THR A 94 -5.91 -4.55 -14.76
CA THR A 94 -6.79 -3.62 -15.47
C THR A 94 -7.93 -4.34 -16.14
N PRO A 95 -9.10 -3.68 -16.23
CA PRO A 95 -10.24 -4.25 -16.97
C PRO A 95 -9.93 -4.36 -18.46
N GLU A 96 -9.03 -3.51 -18.95
CA GLU A 96 -8.60 -3.60 -20.35
C GLU A 96 -7.85 -4.91 -20.58
N GLY A 97 -6.91 -5.22 -19.69
CA GLY A 97 -6.13 -6.43 -19.80
C GLY A 97 -6.95 -7.68 -19.57
N VAL A 98 -7.77 -7.66 -18.53
CA VAL A 98 -8.60 -8.81 -18.17
C VAL A 98 -9.59 -9.17 -19.29
N ALA A 99 -10.22 -8.15 -19.87
CA ALA A 99 -11.17 -8.36 -20.96
C ALA A 99 -10.52 -9.03 -22.15
N ARG A 100 -9.34 -8.52 -22.53
CA ARG A 100 -8.62 -9.05 -23.68
C ARG A 100 -8.21 -10.50 -23.44
N ARG A 101 -7.81 -10.80 -22.20
CA ARG A 101 -7.28 -12.11 -21.86
C ARG A 101 -8.37 -13.17 -21.67
N TYR A 102 -9.53 -12.75 -21.17
CA TYR A 102 -10.55 -13.72 -20.76
C TYR A 102 -11.88 -13.64 -21.52
N GLY A 103 -11.92 -12.86 -22.60
CA GLY A 103 -13.04 -12.95 -23.53
C GLY A 103 -13.89 -11.72 -23.77
N GLY A 104 -13.27 -10.67 -24.29
CA GLY A 104 -14.01 -9.47 -24.66
C GLY A 104 -13.16 -8.24 -24.84
N GLU A 105 -13.80 -7.08 -24.83
CA GLU A 105 -13.10 -5.80 -24.98
C GLU A 105 -13.72 -4.74 -24.08
N TRP A 106 -12.86 -4.04 -23.33
CA TRP A 106 -13.30 -2.96 -22.46
C TRP A 106 -13.59 -1.70 -23.29
N THR A 107 -14.86 -1.36 -23.42
CA THR A 107 -15.26 -0.21 -24.21
C THR A 107 -15.76 0.94 -23.32
N GLU A 108 -16.40 1.92 -23.94
CA GLU A 108 -16.89 3.10 -23.22
C GLU A 108 -18.41 3.16 -23.18
N GLU A 109 -19.06 2.03 -23.39
CA GLU A 109 -20.52 1.95 -23.35
C GLU A 109 -20.96 1.02 -22.24
N ALA A 110 -21.87 1.51 -21.39
CA ALA A 110 -22.30 0.77 -20.20
C ALA A 110 -22.94 -0.58 -20.51
N GLY A 111 -23.73 -0.63 -21.59
CA GLY A 111 -24.37 -1.87 -22.00
C GLY A 111 -23.36 -2.94 -22.36
N GLU A 112 -22.34 -2.55 -23.11
CA GLU A 112 -21.28 -3.46 -23.51
C GLU A 112 -20.43 -3.88 -22.31
N ARG A 113 -20.32 -3.00 -21.32
CA ARG A 113 -19.59 -3.31 -20.10
C ARG A 113 -20.34 -4.32 -19.25
N ALA A 114 -21.67 -4.18 -19.22
CA ALA A 114 -22.51 -5.11 -18.48
C ALA A 114 -22.46 -6.51 -19.11
N ALA A 115 -22.51 -6.56 -20.43
CA ALA A 115 -22.43 -7.82 -21.16
C ALA A 115 -21.06 -8.45 -20.97
N LEU A 116 -20.03 -7.62 -21.01
CA LEU A 116 -18.66 -8.07 -20.80
C LEU A 116 -18.48 -8.67 -19.42
N SER A 117 -19.03 -8.00 -18.40
CA SER A 117 -18.95 -8.46 -17.03
C SER A 117 -19.55 -9.85 -16.88
N GLU A 118 -20.68 -10.09 -17.55
CA GLU A 118 -21.35 -11.38 -17.48
C GLU A 118 -20.50 -12.50 -18.08
N ARG A 119 -19.93 -12.24 -19.26
CA ARG A 119 -19.12 -13.24 -19.95
C ARG A 119 -17.85 -13.55 -19.17
N LEU A 120 -17.14 -12.51 -18.75
CA LEU A 120 -15.89 -12.66 -18.03
C LEU A 120 -16.08 -13.47 -16.76
N PHE A 121 -17.16 -13.20 -16.03
CA PHE A 121 -17.42 -13.92 -14.79
C PHE A 121 -17.63 -15.40 -15.05
N ALA A 122 -18.45 -15.72 -16.04
CA ALA A 122 -18.69 -17.11 -16.41
C ALA A 122 -17.38 -17.82 -16.74
N ASN A 123 -16.58 -17.20 -17.58
CA ASN A 123 -15.31 -17.79 -18.00
C ASN A 123 -14.31 -17.89 -16.85
N LEU A 124 -14.18 -16.82 -16.07
CA LEU A 124 -13.24 -16.79 -14.96
C LEU A 124 -13.64 -17.71 -13.82
N TRP A 125 -14.94 -17.82 -13.56
CA TRP A 125 -15.43 -18.73 -12.53
C TRP A 125 -15.09 -20.17 -12.92
N GLY A 126 -15.15 -20.45 -14.22
CA GLY A 126 -14.81 -21.77 -14.74
C GLY A 126 -13.34 -22.09 -14.55
N ARG A 127 -12.50 -21.08 -14.73
CA ARG A 127 -11.06 -21.26 -14.55
CA ARG A 127 -11.06 -21.26 -14.55
C ARG A 127 -10.70 -21.49 -13.09
N LEU A 128 -11.61 -21.13 -12.19
CA LEU A 128 -11.40 -21.34 -10.77
C LEU A 128 -11.88 -22.72 -10.31
N GLU A 129 -12.32 -23.54 -11.24
CA GLU A 129 -12.70 -24.91 -10.93
C GLU A 129 -11.47 -25.73 -10.57
N GLY A 130 -11.49 -26.34 -9.39
CA GLY A 130 -10.37 -27.15 -8.94
C GLY A 130 -9.37 -26.35 -8.13
N GLU A 131 -9.42 -25.03 -8.28
CA GLU A 131 -8.53 -24.15 -7.51
C GLU A 131 -9.18 -23.79 -6.19
N GLU A 132 -9.26 -24.76 -5.29
CA GLU A 132 -9.99 -24.61 -4.03
C GLU A 132 -9.41 -23.54 -3.11
N ARG A 133 -8.08 -23.40 -3.10
CA ARG A 133 -7.44 -22.41 -2.24
C ARG A 133 -7.69 -21.00 -2.75
N LEU A 134 -7.66 -20.84 -4.08
CA LEU A 134 -8.00 -19.55 -4.69
C LEU A 134 -9.48 -19.25 -4.52
N LEU A 135 -10.30 -20.31 -4.58
CA LEU A 135 -11.73 -20.17 -4.38
C LEU A 135 -12.03 -19.73 -2.94
N TRP A 136 -11.27 -20.27 -1.99
CA TRP A 136 -11.42 -19.91 -0.60
C TRP A 136 -11.08 -18.44 -0.39
N LEU A 137 -9.98 -18.01 -1.00
CA LEU A 137 -9.55 -16.62 -0.92
C LEU A 137 -10.61 -15.68 -1.48
N TYR A 138 -11.24 -16.07 -2.59
CA TYR A 138 -12.28 -15.24 -3.20
C TYR A 138 -13.50 -15.09 -2.31
N ARG A 139 -14.07 -16.22 -1.88
CA ARG A 139 -15.29 -16.22 -1.09
C ARG A 139 -15.10 -15.66 0.32
N GLU A 140 -13.97 -15.99 0.94
CA GLU A 140 -13.77 -15.67 2.36
C GLU A 140 -12.99 -14.40 2.60
N VAL A 141 -12.24 -13.94 1.59
CA VAL A 141 -11.41 -12.75 1.76
C VAL A 141 -11.75 -11.63 0.78
N GLU A 142 -11.42 -11.82 -0.49
CA GLU A 142 -11.49 -10.73 -1.47
C GLU A 142 -12.89 -10.17 -1.73
N ARG A 143 -13.88 -11.05 -1.94
CA ARG A 143 -15.24 -10.58 -2.20
C ARG A 143 -15.86 -9.81 -1.02
N PRO A 144 -15.79 -10.37 0.20
CA PRO A 144 -16.32 -9.56 1.30
C PRO A 144 -15.46 -8.32 1.59
N LEU A 145 -14.16 -8.39 1.35
CA LEU A 145 -13.28 -7.25 1.59
C LEU A 145 -13.65 -6.05 0.74
N SER A 146 -14.10 -6.31 -0.49
CA SER A 146 -14.51 -5.25 -1.40
C SER A 146 -15.64 -4.41 -0.81
N ALA A 147 -16.52 -5.07 -0.05
CA ALA A 147 -17.59 -4.36 0.64
C ALA A 147 -17.03 -3.48 1.76
N VAL A 148 -16.09 -4.02 2.50
CA VAL A 148 -15.41 -3.27 3.56
C VAL A 148 -14.70 -2.05 2.99
N LEU A 149 -13.96 -2.26 1.91
CA LEU A 149 -13.21 -1.18 1.27
C LEU A 149 -14.12 -0.08 0.72
N ALA A 150 -15.28 -0.48 0.21
CA ALA A 150 -16.24 0.47 -0.33
C ALA A 150 -16.73 1.43 0.75
N HIS A 151 -17.00 0.90 1.94
CA HIS A 151 -17.43 1.71 3.06
C HIS A 151 -16.33 2.65 3.53
N MET A 152 -15.10 2.15 3.53
CA MET A 152 -13.95 2.95 3.94
C MET A 152 -13.76 4.13 2.98
N GLU A 153 -13.79 3.85 1.68
CA GLU A 153 -13.63 4.88 0.66
C GLU A 153 -14.71 5.96 0.77
N ALA A 154 -15.94 5.54 1.02
CA ALA A 154 -17.07 6.47 1.08
C ALA A 154 -17.08 7.27 2.38
N THR A 155 -16.40 6.75 3.41
CA THR A 155 -16.36 7.42 4.71
C THR A 155 -15.37 8.59 4.71
N GLY A 156 -14.13 8.32 4.33
CA GLY A 156 -13.11 9.34 4.27
C GLY A 156 -12.51 9.65 5.63
N VAL A 157 -11.55 10.58 5.64
CA VAL A 157 -10.89 10.98 6.87
C VAL A 157 -10.82 12.50 6.97
N ARG A 158 -10.99 13.03 8.17
CA ARG A 158 -11.00 14.48 8.38
C ARG A 158 -9.57 15.04 8.35
N LEU A 159 -9.44 16.26 7.83
CA LEU A 159 -8.14 16.89 7.69
C LEU A 159 -8.18 18.33 8.19
N ASP A 160 -7.16 18.74 8.93
CA ASP A 160 -7.08 20.12 9.40
C ASP A 160 -6.57 21.02 8.28
N VAL A 161 -7.49 21.53 7.48
CA VAL A 161 -7.17 22.32 6.30
C VAL A 161 -6.48 23.64 6.63
N ALA A 162 -7.07 24.40 7.57
CA ALA A 162 -6.53 25.69 7.96
C ALA A 162 -5.09 25.57 8.46
N TYR A 163 -4.84 24.48 9.17
CA TYR A 163 -3.52 24.16 9.69
C TYR A 163 -2.51 23.98 8.57
N LEU A 164 -2.86 23.17 7.58
CA LEU A 164 -1.98 22.91 6.45
C LEU A 164 -1.73 24.15 5.60
N ARG A 165 -2.75 24.98 5.44
CA ARG A 165 -2.59 26.19 4.64
C ARG A 165 -1.66 27.19 5.32
N ALA A 166 -1.72 27.25 6.65
CA ALA A 166 -0.82 28.10 7.41
C ALA A 166 0.59 27.54 7.37
N LEU A 167 0.70 26.21 7.43
CA LEU A 167 1.99 25.54 7.38
C LEU A 167 2.69 25.77 6.04
N SER A 168 1.89 25.84 4.98
CA SER A 168 2.41 26.05 3.63
C SER A 168 3.18 27.35 3.50
N LEU A 169 2.64 28.42 4.07
CA LEU A 169 3.27 29.74 4.00
C LEU A 169 4.62 29.73 4.70
N GLU A 170 4.69 29.01 5.80
CA GLU A 170 5.91 28.95 6.60
C GLU A 170 6.99 28.12 5.90
N VAL A 171 6.60 26.99 5.32
CA VAL A 171 7.52 26.14 4.59
C VAL A 171 8.05 26.87 3.35
N ALA A 172 7.19 27.62 2.70
CA ALA A 172 7.58 28.40 1.52
C ALA A 172 8.70 29.39 1.83
N GLU A 173 8.65 30.01 3.00
CA GLU A 173 9.67 30.96 3.41
C GLU A 173 11.02 30.27 3.64
N GLU A 174 10.97 29.08 4.24
CA GLU A 174 12.20 28.33 4.49
C GLU A 174 12.78 27.78 3.19
N ILE A 175 11.91 27.40 2.26
CA ILE A 175 12.35 26.97 0.94
C ILE A 175 13.07 28.09 0.21
N ALA A 176 12.52 29.30 0.30
CA ALA A 176 13.13 30.47 -0.31
C ALA A 176 14.54 30.72 0.22
N ARG A 177 14.72 30.51 1.52
N ARG A 177 14.72 30.51 1.52
CA ARG A 177 16.02 30.70 2.16
CA ARG A 177 16.03 30.69 2.14
C ARG A 177 17.03 29.66 1.65
C ARG A 177 17.02 29.67 1.63
N LEU A 178 16.58 28.42 1.52
CA LEU A 178 17.43 27.33 1.05
C LEU A 178 17.84 27.51 -0.41
N GLU A 179 16.87 27.82 -1.28
CA GLU A 179 17.16 27.96 -2.70
C GLU A 179 18.04 29.17 -2.98
N ALA A 180 17.88 30.22 -2.17
CA ALA A 180 18.71 31.41 -2.31
C ALA A 180 20.16 31.10 -1.94
N GLU A 181 20.34 30.28 -0.92
CA GLU A 181 21.68 29.86 -0.51
C GLU A 181 22.32 28.96 -1.55
N VAL A 182 21.52 28.07 -2.13
CA VAL A 182 22.01 27.18 -3.17
C VAL A 182 22.48 27.96 -4.39
N PHE A 183 21.68 28.94 -4.81
CA PHE A 183 22.02 29.78 -5.96
C PHE A 183 23.28 30.58 -5.69
N ARG A 184 23.41 31.09 -4.47
CA ARG A 184 24.60 31.83 -4.07
C ARG A 184 25.84 30.95 -4.17
N LEU A 185 25.74 29.73 -3.65
CA LEU A 185 26.85 28.79 -3.66
C LEU A 185 27.17 28.28 -5.06
N ALA A 186 26.15 28.25 -5.93
CA ALA A 186 26.35 27.86 -7.31
C ALA A 186 26.96 29.01 -8.12
N GLY A 187 26.78 30.23 -7.62
CA GLY A 187 27.29 31.41 -8.28
C GLY A 187 26.30 31.97 -9.29
N HIS A 188 25.15 31.31 -9.42
CA HIS A 188 24.13 31.71 -10.37
C HIS A 188 22.84 30.92 -10.11
N PRO A 189 21.68 31.55 -10.38
CA PRO A 189 20.41 30.85 -10.21
C PRO A 189 20.15 29.86 -11.35
N PHE A 190 19.32 28.85 -11.07
CA PHE A 190 18.91 27.87 -12.06
C PHE A 190 17.66 27.18 -11.53
N ASN A 191 17.08 26.29 -12.33
CA ASN A 191 15.92 25.53 -11.86
C ASN A 191 16.39 24.43 -10.92
N LEU A 192 16.28 24.68 -9.62
CA LEU A 192 16.70 23.73 -8.60
C LEU A 192 15.82 22.48 -8.61
N ASN A 193 14.61 22.61 -9.15
CA ASN A 193 13.71 21.47 -9.30
C ASN A 193 14.13 20.57 -10.47
N SER A 194 15.03 21.07 -11.30
CA SER A 194 15.54 20.30 -12.44
C SER A 194 16.80 19.54 -12.05
N ARG A 195 16.71 18.21 -12.02
CA ARG A 195 17.86 17.39 -11.65
C ARG A 195 18.93 17.39 -12.75
N ASP A 196 18.53 17.70 -13.97
CA ASP A 196 19.47 17.82 -15.08
C ASP A 196 20.35 19.05 -14.93
N GLN A 197 19.74 20.17 -14.55
CA GLN A 197 20.49 21.41 -14.34
C GLN A 197 21.34 21.30 -13.08
N LEU A 198 20.82 20.60 -12.07
CA LEU A 198 21.55 20.39 -10.82
C LEU A 198 22.78 19.51 -11.04
N GLU A 199 22.65 18.51 -11.90
CA GLU A 199 23.75 17.60 -12.21
C GLU A 199 24.94 18.36 -12.79
N ARG A 200 24.65 19.31 -13.67
CA ARG A 200 25.70 20.10 -14.30
C ARG A 200 26.38 21.01 -13.28
N VAL A 201 25.59 21.58 -12.37
CA VAL A 201 26.14 22.45 -11.35
C VAL A 201 27.08 21.70 -10.40
N LEU A 202 26.63 20.54 -9.91
CA LEU A 202 27.40 19.76 -8.96
C LEU A 202 28.67 19.17 -9.56
N PHE A 203 28.55 18.57 -10.74
CA PHE A 203 29.60 17.73 -11.30
C PHE A 203 30.46 18.42 -12.37
N ASP A 204 29.88 19.39 -13.08
CA ASP A 204 30.62 20.10 -14.12
C ASP A 204 31.14 21.45 -13.66
N GLU A 205 30.30 22.21 -12.96
CA GLU A 205 30.68 23.55 -12.51
C GLU A 205 31.44 23.54 -11.19
N LEU A 206 30.94 22.78 -10.23
CA LEU A 206 31.56 22.71 -8.91
C LEU A 206 32.64 21.63 -8.85
N GLY A 207 32.62 20.71 -9.82
CA GLY A 207 33.64 19.70 -9.93
C GLY A 207 33.61 18.64 -8.85
N LEU A 208 32.43 18.42 -8.26
CA LEU A 208 32.28 17.35 -7.28
C LEU A 208 32.36 16.00 -7.98
N PRO A 209 32.89 14.99 -7.28
CA PRO A 209 32.98 13.65 -7.87
C PRO A 209 31.62 12.99 -8.01
N ALA A 210 31.35 12.43 -9.19
CA ALA A 210 30.11 11.69 -9.40
C ALA A 210 30.22 10.34 -8.70
N ILE A 211 29.12 9.88 -8.12
CA ILE A 211 29.12 8.63 -7.37
C ILE A 211 28.42 7.51 -8.13
N GLY A 212 27.23 7.79 -8.62
CA GLY A 212 26.46 6.79 -9.33
C GLY A 212 25.81 7.29 -10.60
N LYS A 213 25.29 6.37 -11.40
CA LYS A 213 24.60 6.69 -12.64
C LYS A 213 23.13 6.32 -12.52
N THR A 214 22.29 7.01 -13.28
CA THR A 214 20.85 6.71 -13.28
C THR A 214 20.57 5.49 -14.15
N GLU A 215 19.44 4.85 -13.92
CA GLU A 215 19.14 3.55 -14.52
C GLU A 215 18.91 3.58 -16.04
N LYS A 216 17.93 4.36 -16.48
CA LYS A 216 17.49 4.32 -17.87
C LYS A 216 18.35 5.12 -18.84
N THR A 217 18.86 6.27 -18.40
CA THR A 217 19.57 7.17 -19.30
C THR A 217 21.04 7.37 -18.96
N GLY A 218 21.48 6.82 -17.84
CA GLY A 218 22.88 6.84 -17.46
C GLY A 218 23.45 8.21 -17.15
N LYS A 219 22.60 9.12 -16.70
CA LYS A 219 23.08 10.42 -16.23
C LYS A 219 23.74 10.27 -14.87
N ARG A 220 24.56 11.24 -14.49
CA ARG A 220 25.15 11.25 -13.16
C ARG A 220 24.06 11.53 -12.13
N SER A 221 23.83 10.58 -11.24
CA SER A 221 22.74 10.66 -10.28
C SER A 221 22.93 11.77 -9.24
N THR A 222 21.82 12.40 -8.86
CA THR A 222 21.83 13.40 -7.79
C THR A 222 20.92 12.93 -6.65
N SER A 223 20.75 11.63 -6.52
CA SER A 223 19.88 11.05 -5.50
C SER A 223 20.35 11.40 -4.08
N ALA A 224 19.45 11.22 -3.12
CA ALA A 224 19.77 11.51 -1.72
C ALA A 224 20.94 10.67 -1.24
N ALA A 225 21.02 9.44 -1.73
CA ALA A 225 22.11 8.54 -1.35
C ALA A 225 23.45 9.07 -1.88
N VAL A 226 23.43 9.63 -3.08
CA VAL A 226 24.62 10.22 -3.66
C VAL A 226 25.00 11.51 -2.93
N LEU A 227 24.00 12.33 -2.62
CA LEU A 227 24.24 13.57 -1.90
C LEU A 227 24.74 13.31 -0.48
N GLU A 228 24.20 12.28 0.16
CA GLU A 228 24.64 11.90 1.50
C GLU A 228 26.14 11.57 1.53
N ALA A 229 26.62 10.96 0.46
CA ALA A 229 28.04 10.63 0.34
C ALA A 229 28.88 11.89 0.11
N LEU A 230 28.23 12.95 -0.35
CA LEU A 230 28.93 14.20 -0.68
C LEU A 230 28.64 15.31 0.34
N ARG A 231 28.10 14.95 1.50
CA ARG A 231 27.69 15.92 2.49
C ARG A 231 28.83 16.80 3.01
N GLU A 232 30.04 16.25 3.02
CA GLU A 232 31.19 16.95 3.58
C GLU A 232 32.13 17.49 2.51
N ALA A 233 31.75 17.32 1.25
CA ALA A 233 32.57 17.77 0.13
C ALA A 233 32.34 19.24 -0.21
N HIS A 234 31.11 19.70 0.02
CA HIS A 234 30.74 21.07 -0.32
C HIS A 234 29.49 21.48 0.44
N PRO A 235 29.48 22.72 0.97
CA PRO A 235 28.35 23.24 1.76
C PRO A 235 27.02 23.23 1.00
N ILE A 236 27.06 23.28 -0.32
CA ILE A 236 25.83 23.33 -1.11
C ILE A 236 25.02 22.03 -1.01
N VAL A 237 25.71 20.92 -0.74
CA VAL A 237 25.08 19.61 -0.75
C VAL A 237 24.01 19.47 0.34
N GLU A 238 24.36 19.89 1.56
CA GLU A 238 23.42 19.83 2.67
C GLU A 238 22.19 20.71 2.41
N LYS A 239 22.42 21.87 1.81
CA LYS A 239 21.33 22.80 1.49
C LYS A 239 20.37 22.20 0.46
N ILE A 240 20.91 21.45 -0.49
CA ILE A 240 20.10 20.77 -1.49
C ILE A 240 19.26 19.68 -0.85
N LEU A 241 19.87 18.91 0.04
CA LEU A 241 19.17 17.86 0.77
C LEU A 241 18.00 18.41 1.59
N GLN A 242 18.19 19.58 2.17
CA GLN A 242 17.13 20.22 2.96
C GLN A 242 16.05 20.79 2.04
N TYR A 243 16.48 21.31 0.89
CA TYR A 243 15.54 21.82 -0.12
C TYR A 243 14.68 20.67 -0.66
N ARG A 244 15.32 19.53 -0.88
CA ARG A 244 14.63 18.34 -1.39
C ARG A 244 13.52 17.89 -0.46
N GLU A 245 13.84 17.78 0.83
CA GLU A 245 12.86 17.34 1.83
C GLU A 245 11.65 18.25 1.89
N LEU A 246 11.88 19.56 1.94
CA LEU A 246 10.80 20.53 2.09
C LEU A 246 9.90 20.63 0.86
N THR A 247 10.51 20.68 -0.32
CA THR A 247 9.74 20.79 -1.55
C THR A 247 8.97 19.51 -1.85
N LYS A 248 9.55 18.36 -1.49
CA LYS A 248 8.87 17.09 -1.63
C LYS A 248 7.60 17.07 -0.81
N LEU A 249 7.71 17.46 0.47
CA LEU A 249 6.58 17.45 1.38
C LEU A 249 5.53 18.49 1.01
N LYS A 250 5.98 19.66 0.58
CA LYS A 250 5.07 20.75 0.25
C LYS A 250 4.29 20.47 -1.04
N SER A 251 4.99 19.96 -2.05
CA SER A 251 4.37 19.73 -3.36
C SER A 251 3.51 18.47 -3.39
N THR A 252 3.79 17.53 -2.49
CA THR A 252 3.10 16.25 -2.50
C THR A 252 1.95 16.18 -1.51
N TYR A 253 2.12 16.83 -0.36
CA TYR A 253 1.13 16.74 0.71
C TYR A 253 0.52 18.08 1.12
N ILE A 254 1.36 19.01 1.57
CA ILE A 254 0.89 20.27 2.13
C ILE A 254 -0.02 21.06 1.20
N ASP A 255 0.36 21.19 -0.06
CA ASP A 255 -0.43 21.96 -1.03
C ASP A 255 -1.62 21.22 -1.66
N PRO A 256 -1.42 19.98 -2.16
CA PRO A 256 -2.54 19.33 -2.86
C PRO A 256 -3.68 18.88 -1.95
N LEU A 257 -3.35 18.27 -0.82
CA LEU A 257 -4.36 17.65 0.06
C LEU A 257 -5.55 18.53 0.49
N PRO A 258 -5.30 19.78 0.94
CA PRO A 258 -6.44 20.63 1.31
C PRO A 258 -7.39 20.93 0.15
N ASP A 259 -6.90 20.84 -1.08
CA ASP A 259 -7.74 21.09 -2.25
C ASP A 259 -8.56 19.87 -2.66
N LEU A 260 -8.41 18.78 -1.91
CA LEU A 260 -9.07 17.52 -2.25
C LEU A 260 -10.18 17.17 -1.25
N ILE A 261 -10.54 18.12 -0.40
CA ILE A 261 -11.62 17.91 0.55
C ILE A 261 -12.96 17.88 -0.18
N HIS A 262 -13.73 16.81 0.04
CA HIS A 262 -15.02 16.65 -0.62
C HIS A 262 -16.04 17.65 -0.07
N PRO A 263 -16.75 18.34 -0.96
CA PRO A 263 -17.69 19.40 -0.58
C PRO A 263 -18.89 18.90 0.22
N ARG A 264 -19.27 17.64 0.03
CA ARG A 264 -20.42 17.09 0.73
C ARG A 264 -20.03 16.52 2.09
N THR A 265 -18.93 15.77 2.13
CA THR A 265 -18.53 15.07 3.34
C THR A 265 -17.62 15.91 4.23
N GLY A 266 -16.89 16.85 3.62
CA GLY A 266 -15.94 17.66 4.35
C GLY A 266 -14.75 16.84 4.78
N ARG A 267 -14.53 15.72 4.10
CA ARG A 267 -13.44 14.81 4.44
C ARG A 267 -12.61 14.43 3.20
N LEU A 268 -11.49 13.77 3.44
CA LEU A 268 -10.57 13.38 2.38
C LEU A 268 -10.79 11.91 2.02
N HIS A 269 -11.06 11.64 0.75
CA HIS A 269 -11.40 10.28 0.32
C HIS A 269 -10.37 9.67 -0.63
N THR A 270 -9.83 8.52 -0.26
CA THR A 270 -8.88 7.81 -1.09
C THR A 270 -9.54 6.62 -1.78
N ARG A 271 -8.79 5.96 -2.65
CA ARG A 271 -9.25 4.72 -3.27
C ARG A 271 -8.36 3.58 -2.82
N PHE A 272 -8.95 2.49 -2.38
CA PHE A 272 -8.18 1.30 -2.02
C PHE A 272 -8.24 0.27 -3.14
N ASN A 273 -7.19 0.24 -3.94
CA ASN A 273 -7.14 -0.64 -5.11
C ASN A 273 -6.86 -2.08 -4.73
N GLN A 274 -7.77 -2.98 -5.09
CA GLN A 274 -7.74 -4.36 -4.65
C GLN A 274 -6.99 -5.28 -5.61
N THR A 275 -6.76 -4.81 -6.83
CA THR A 275 -6.05 -5.60 -7.83
C THR A 275 -4.91 -4.79 -8.45
N ALA A 276 -3.94 -4.40 -7.63
CA ALA A 276 -2.90 -3.49 -8.08
C ALA A 276 -1.48 -3.93 -7.76
N THR A 277 -1.33 -4.91 -6.87
CA THR A 277 0.01 -5.34 -6.45
C THR A 277 0.29 -6.81 -6.78
N ALA A 278 1.56 -7.13 -6.95
CA ALA A 278 1.97 -8.49 -7.31
C ALA A 278 2.03 -9.42 -6.10
N THR A 279 1.86 -8.87 -4.90
CA THR A 279 2.01 -9.66 -3.68
C THR A 279 0.68 -9.92 -2.97
N GLY A 280 -0.35 -9.16 -3.31
CA GLY A 280 -1.63 -9.28 -2.63
C GLY A 280 -1.89 -8.13 -1.69
N ARG A 281 -0.92 -7.23 -1.56
CA ARG A 281 -1.12 -6.00 -0.80
C ARG A 281 -2.17 -5.15 -1.50
N LEU A 282 -2.77 -4.23 -0.75
CA LEU A 282 -3.62 -3.21 -1.34
C LEU A 282 -2.73 -2.06 -1.80
N SER A 283 -3.28 -1.17 -2.60
CA SER A 283 -2.62 0.10 -2.85
C SER A 283 -3.65 1.20 -2.60
N SER A 284 -3.17 2.43 -2.44
CA SER A 284 -4.05 3.57 -2.19
C SER A 284 -3.72 4.68 -3.17
N SER A 285 -4.74 5.32 -3.74
CA SER A 285 -4.51 6.35 -4.74
C SER A 285 -5.59 7.43 -4.78
N ASP A 286 -5.23 8.54 -5.41
CA ASP A 286 -6.15 9.65 -5.67
C ASP A 286 -6.90 10.21 -4.44
N PRO A 287 -6.18 10.63 -3.39
CA PRO A 287 -4.72 10.63 -3.20
C PRO A 287 -4.25 9.35 -2.50
N ASN A 288 -2.96 9.06 -2.58
CA ASN A 288 -2.38 7.97 -1.82
C ASN A 288 -2.31 8.37 -0.35
N LEU A 289 -3.02 7.62 0.50
CA LEU A 289 -3.00 7.89 1.92
C LEU A 289 -2.20 6.84 2.68
N GLN A 290 -1.47 6.01 1.93
CA GLN A 290 -0.60 5.01 2.52
C GLN A 290 0.86 5.46 2.58
N ASN A 291 1.12 6.69 2.15
CA ASN A 291 2.47 7.24 2.22
C ASN A 291 2.53 8.62 2.87
N ILE A 292 1.63 8.86 3.82
CA ILE A 292 1.65 10.09 4.61
C ILE A 292 2.92 10.13 5.46
N PRO A 293 3.66 11.24 5.40
CA PRO A 293 4.95 11.39 6.07
C PRO A 293 4.88 11.15 7.57
N VAL A 294 6.00 10.73 8.17
CA VAL A 294 6.06 10.43 9.59
C VAL A 294 7.50 10.43 10.12
N ARG A 295 8.47 10.40 9.21
CA ARG A 295 9.88 10.27 9.58
C ARG A 295 10.47 11.55 10.18
N THR A 296 10.38 12.64 9.43
CA THR A 296 11.02 13.90 9.81
C THR A 296 10.08 14.79 10.64
N PRO A 297 10.63 15.81 11.33
CA PRO A 297 9.80 16.74 12.08
C PRO A 297 8.67 17.38 11.26
N LEU A 298 8.99 17.89 10.07
CA LEU A 298 7.96 18.47 9.21
C LEU A 298 6.97 17.40 8.78
N GLY A 299 7.48 16.19 8.53
CA GLY A 299 6.65 15.08 8.15
C GLY A 299 5.62 14.73 9.23
N GLN A 300 6.09 14.70 10.48
CA GLN A 300 5.22 14.44 11.61
C GLN A 300 4.20 15.57 11.74
N ARG A 301 4.65 16.78 11.44
CA ARG A 301 3.80 17.96 11.49
C ARG A 301 2.65 17.82 10.48
N ILE A 302 2.94 17.15 9.36
CA ILE A 302 1.93 16.91 8.34
C ILE A 302 0.95 15.81 8.76
N ARG A 303 1.48 14.75 9.34
CA ARG A 303 0.65 13.64 9.81
C ARG A 303 -0.35 14.09 10.88
N ARG A 304 0.03 15.11 11.64
CA ARG A 304 -0.84 15.66 12.69
C ARG A 304 -2.13 16.25 12.11
N ALA A 305 -2.11 16.59 10.83
CA ALA A 305 -3.28 17.20 10.18
C ALA A 305 -4.43 16.21 10.00
N PHE A 306 -4.12 14.92 10.08
CA PHE A 306 -5.14 13.88 9.99
C PHE A 306 -5.78 13.66 11.35
N ILE A 307 -6.99 14.19 11.51
CA ILE A 307 -7.62 14.26 12.82
C ILE A 307 -8.95 13.50 12.90
N ALA A 308 -9.39 13.23 14.11
CA ALA A 308 -10.68 12.61 14.33
C ALA A 308 -11.77 13.67 14.27
N GLU A 309 -12.99 13.25 13.97
CA GLU A 309 -14.14 14.15 14.02
C GLU A 309 -14.35 14.59 15.46
N GLU A 310 -14.90 15.79 15.64
CA GLU A 310 -15.22 16.31 16.97
C GLU A 310 -16.07 15.31 17.76
N GLY A 311 -15.61 14.96 18.95
CA GLY A 311 -16.30 14.01 19.80
C GLY A 311 -15.87 12.58 19.54
N TRP A 312 -14.95 12.40 18.59
CA TRP A 312 -14.44 11.08 18.26
C TRP A 312 -12.93 11.00 18.52
N LEU A 313 -12.39 9.80 18.45
CA LEU A 313 -10.95 9.61 18.57
C LEU A 313 -10.47 8.62 17.51
N LEU A 314 -9.24 8.83 17.03
CA LEU A 314 -8.62 7.88 16.11
C LEU A 314 -7.99 6.74 16.89
N VAL A 315 -8.13 5.54 16.36
CA VAL A 315 -7.46 4.37 16.93
C VAL A 315 -6.54 3.74 15.89
N ALA A 316 -5.26 3.68 16.21
CA ALA A 316 -4.27 3.12 15.29
C ALA A 316 -3.75 1.78 15.80
N LEU A 317 -3.92 0.74 14.98
CA LEU A 317 -3.48 -0.60 15.34
C LEU A 317 -2.42 -1.09 14.35
N ASP A 318 -1.31 -1.59 14.87
CA ASP A 318 -0.16 -1.93 14.04
C ASP A 318 0.44 -3.27 14.46
N TYR A 319 0.45 -4.24 13.54
CA TYR A 319 1.08 -5.53 13.81
C TYR A 319 2.55 -5.37 14.15
N SER A 320 3.00 -6.13 15.15
CA SER A 320 4.38 -6.08 15.60
C SER A 320 5.29 -6.95 14.73
N GLN A 321 6.26 -6.31 14.07
CA GLN A 321 7.30 -7.01 13.31
C GLN A 321 6.71 -8.08 12.39
N ILE A 322 5.66 -7.73 11.68
CA ILE A 322 4.79 -8.73 11.05
C ILE A 322 5.48 -9.71 10.09
N GLU A 323 6.34 -9.20 9.20
CA GLU A 323 6.97 -10.08 8.21
C GLU A 323 8.01 -11.02 8.83
N LEU A 324 8.62 -10.60 9.93
CA LEU A 324 9.57 -11.45 10.63
C LEU A 324 8.84 -12.61 11.32
N ARG A 325 7.67 -12.32 11.87
CA ARG A 325 6.83 -13.35 12.49
C ARG A 325 6.31 -14.32 11.44
N VAL A 326 5.86 -13.78 10.32
CA VAL A 326 5.40 -14.59 9.20
C VAL A 326 6.51 -15.50 8.70
N LEU A 327 7.72 -14.97 8.60
CA LEU A 327 8.88 -15.73 8.18
C LEU A 327 9.16 -16.89 9.11
N ALA A 328 8.97 -16.67 10.41
CA ALA A 328 9.17 -17.71 11.41
C ALA A 328 8.20 -18.87 11.19
N HIS A 329 6.96 -18.54 10.83
CA HIS A 329 5.94 -19.54 10.59
C HIS A 329 6.19 -20.31 9.30
N LEU A 330 6.51 -19.60 8.23
CA LEU A 330 6.71 -20.21 6.92
C LEU A 330 7.96 -21.10 6.87
N SER A 331 9.04 -20.64 7.49
CA SER A 331 10.29 -21.39 7.49
C SER A 331 10.29 -22.47 8.55
N GLY A 332 9.67 -22.18 9.69
CA GLY A 332 9.64 -23.11 10.80
C GLY A 332 10.96 -23.13 11.56
N ASP A 333 11.71 -22.04 11.45
CA ASP A 333 12.99 -21.94 12.14
C ASP A 333 12.82 -21.84 13.65
N GLU A 334 13.41 -22.79 14.36
CA GLU A 334 13.27 -22.87 15.81
C GLU A 334 13.82 -21.64 16.51
N ASN A 335 15.00 -21.18 16.07
CA ASN A 335 15.65 -20.02 16.67
C ASN A 335 14.83 -18.74 16.54
N LEU A 336 14.19 -18.56 15.38
CA LEU A 336 13.39 -17.36 15.14
C LEU A 336 12.05 -17.45 15.87
N ILE A 337 11.45 -18.64 15.88
CA ILE A 337 10.23 -18.87 16.63
C ILE A 337 10.45 -18.61 18.11
N ARG A 338 11.58 -19.09 18.62
CA ARG A 338 11.94 -18.92 20.02
C ARG A 338 12.07 -17.45 20.40
N VAL A 339 12.59 -16.65 19.47
CA VAL A 339 12.75 -15.21 19.69
C VAL A 339 11.42 -14.53 19.99
N PHE A 340 10.39 -14.88 19.23
CA PHE A 340 9.07 -14.28 19.42
C PHE A 340 8.32 -14.88 20.60
N GLN A 341 8.63 -16.12 20.93
CA GLN A 341 8.06 -16.76 22.11
C GLN A 341 8.61 -16.11 23.38
N GLU A 342 9.83 -15.58 23.28
CA GLU A 342 10.46 -14.89 24.40
C GLU A 342 10.07 -13.40 24.43
N GLY A 343 9.26 -12.99 23.45
CA GLY A 343 8.78 -11.62 23.39
C GLY A 343 9.87 -10.60 23.11
N ARG A 344 10.84 -10.98 22.29
CA ARG A 344 11.93 -10.08 21.94
C ARG A 344 11.58 -9.16 20.77
N ASP A 345 12.40 -8.14 20.55
CA ASP A 345 12.19 -7.19 19.47
C ASP A 345 13.46 -7.09 18.63
N ILE A 346 13.42 -7.68 17.43
CA ILE A 346 14.57 -7.71 16.54
C ILE A 346 14.97 -6.31 16.06
N HIS A 347 13.97 -5.48 15.78
CA HIS A 347 14.22 -4.11 15.33
C HIS A 347 14.97 -3.32 16.39
N THR A 348 14.55 -3.46 17.64
CA THR A 348 15.21 -2.76 18.74
C THR A 348 16.63 -3.27 18.96
N GLU A 349 16.79 -4.59 18.92
CA GLU A 349 18.09 -5.22 19.12
C GLU A 349 19.08 -4.83 18.02
N THR A 350 18.61 -4.79 16.77
CA THR A 350 19.44 -4.37 15.65
C THR A 350 19.81 -2.89 15.79
N ALA A 351 18.83 -2.08 16.17
CA ALA A 351 19.05 -0.64 16.34
C ALA A 351 20.05 -0.36 17.46
N SER A 352 20.02 -1.18 18.51
CA SER A 352 20.96 -1.03 19.61
C SER A 352 22.39 -1.33 19.14
N TRP A 353 22.50 -2.30 18.23
CA TRP A 353 23.78 -2.65 17.65
C TRP A 353 24.26 -1.58 16.68
N MET A 354 23.32 -1.01 15.92
CA MET A 354 23.63 -0.01 14.91
C MET A 354 24.23 1.25 15.52
N PHE A 355 23.54 1.83 16.50
CA PHE A 355 23.99 3.07 17.12
C PHE A 355 24.89 2.83 18.32
N GLY A 356 25.12 1.56 18.64
CA GLY A 356 26.01 1.18 19.73
C GLY A 356 25.53 1.68 21.08
N VAL A 357 24.24 1.48 21.36
CA VAL A 357 23.65 1.92 22.62
C VAL A 357 22.88 0.77 23.26
N PRO A 358 22.60 0.85 24.57
CA PRO A 358 21.70 -0.13 25.18
C PRO A 358 20.32 -0.04 24.56
N ARG A 359 19.58 -1.15 24.55
CA ARG A 359 18.30 -1.21 23.84
C ARG A 359 17.23 -0.32 24.48
N GLU A 360 17.52 0.19 25.68
CA GLU A 360 16.61 1.13 26.34
C GLU A 360 16.87 2.55 25.88
N ALA A 361 17.95 2.74 25.13
CA ALA A 361 18.32 4.06 24.63
C ALA A 361 17.87 4.24 23.18
N VAL A 362 17.25 3.20 22.62
CA VAL A 362 16.78 3.24 21.25
C VAL A 362 15.48 4.04 21.12
N ASP A 363 15.56 5.19 20.45
CA ASP A 363 14.38 6.01 20.18
C ASP A 363 13.67 5.50 18.93
N PRO A 364 12.38 5.86 18.75
CA PRO A 364 11.61 5.44 17.58
C PRO A 364 12.31 5.64 16.23
N LEU A 365 13.08 6.71 16.09
CA LEU A 365 13.78 6.97 14.83
C LEU A 365 14.89 5.95 14.57
N MET A 366 15.60 5.57 15.62
CA MET A 366 16.66 4.57 15.50
C MET A 366 16.09 3.20 15.14
N ARG A 367 14.96 2.87 15.76
CA ARG A 367 14.31 1.59 15.51
C ARG A 367 13.78 1.53 14.08
N ARG A 368 13.28 2.65 13.58
CA ARG A 368 12.79 2.74 12.22
C ARG A 368 13.90 2.45 11.22
N ALA A 369 15.07 3.01 11.47
CA ALA A 369 16.23 2.80 10.60
C ALA A 369 16.64 1.33 10.59
N ALA A 370 16.42 0.65 11.71
CA ALA A 370 16.78 -0.75 11.84
C ALA A 370 15.93 -1.65 10.94
N LYS A 371 14.74 -1.18 10.60
CA LYS A 371 13.85 -1.94 9.71
C LYS A 371 14.46 -2.05 8.32
N THR A 372 15.15 -1.01 7.88
CA THR A 372 15.84 -1.03 6.60
C THR A 372 16.93 -2.09 6.61
N ILE A 373 17.62 -2.21 7.74
CA ILE A 373 18.70 -3.17 7.89
C ILE A 373 18.17 -4.60 7.99
N ASN A 374 17.20 -4.83 8.87
CA ASN A 374 16.65 -6.16 9.07
C ASN A 374 15.96 -6.75 7.85
N PHE A 375 15.06 -5.98 7.24
CA PHE A 375 14.35 -6.46 6.06
C PHE A 375 15.22 -6.39 4.81
N GLY A 376 16.09 -5.39 4.74
CA GLY A 376 17.01 -5.24 3.63
C GLY A 376 17.91 -6.44 3.48
N VAL A 377 18.57 -6.82 4.57
CA VAL A 377 19.46 -7.97 4.58
C VAL A 377 18.70 -9.26 4.28
N LEU A 378 17.52 -9.40 4.89
CA LEU A 378 16.69 -10.58 4.69
C LEU A 378 16.35 -10.81 3.21
N TYR A 379 16.06 -9.71 2.52
CA TYR A 379 15.60 -9.80 1.13
C TYR A 379 16.71 -9.57 0.10
N GLY A 380 17.96 -9.68 0.54
CA GLY A 380 19.09 -9.74 -0.37
C GLY A 380 19.88 -8.46 -0.59
N MET A 381 20.05 -7.66 0.45
CA MET A 381 20.86 -6.45 0.34
C MET A 381 22.35 -6.83 0.21
N SER A 382 23.09 -6.05 -0.57
CA SER A 382 24.51 -6.33 -0.78
C SER A 382 25.36 -5.77 0.36
N ALA A 383 26.52 -6.37 0.57
CA ALA A 383 27.44 -5.94 1.61
C ALA A 383 27.89 -4.50 1.40
N HIS A 384 28.04 -4.13 0.13
CA HIS A 384 28.46 -2.78 -0.24
C HIS A 384 27.42 -1.73 0.14
N ARG A 385 26.14 -2.10 0.04
CA ARG A 385 25.07 -1.15 0.32
C ARG A 385 24.96 -0.79 1.80
N LEU A 386 24.76 -1.80 2.66
CA LEU A 386 24.57 -1.52 4.08
C LEU A 386 25.85 -1.10 4.79
N SER A 387 26.97 -1.17 4.08
CA SER A 387 28.20 -0.57 4.56
C SER A 387 28.10 0.94 4.37
N GLN A 388 27.45 1.34 3.28
CA GLN A 388 27.20 2.74 3.00
C GLN A 388 26.00 3.26 3.79
N GLU A 389 25.02 2.38 4.02
CA GLU A 389 23.86 2.73 4.81
C GLU A 389 24.25 3.02 6.27
N LEU A 390 25.14 2.19 6.80
CA LEU A 390 25.55 2.31 8.20
C LEU A 390 26.82 3.14 8.37
N ALA A 391 27.41 3.54 7.25
CA ALA A 391 28.67 4.28 7.25
C ALA A 391 29.76 3.54 8.02
N ILE A 392 29.82 2.23 7.83
CA ILE A 392 30.81 1.38 8.47
C ILE A 392 31.66 0.72 7.39
N PRO A 393 32.88 0.26 7.75
CA PRO A 393 33.72 -0.45 6.79
C PRO A 393 33.00 -1.65 6.14
N TYR A 394 33.32 -1.91 4.89
CA TYR A 394 32.72 -3.01 4.12
C TYR A 394 32.84 -4.34 4.86
N GLU A 395 33.98 -4.53 5.54
CA GLU A 395 34.26 -5.78 6.23
C GLU A 395 33.29 -6.03 7.38
N GLU A 396 32.92 -4.98 8.10
CA GLU A 396 31.96 -5.10 9.18
C GLU A 396 30.58 -5.44 8.64
N ALA A 397 30.21 -4.81 7.53
CA ALA A 397 28.92 -5.05 6.88
C ALA A 397 28.80 -6.51 6.43
N GLN A 398 29.92 -7.07 5.97
CA GLN A 398 29.96 -8.48 5.59
C GLN A 398 29.62 -9.36 6.79
N ALA A 399 30.22 -9.04 7.93
CA ALA A 399 30.06 -9.83 9.14
C ALA A 399 28.62 -9.84 9.66
N PHE A 400 27.95 -8.71 9.54
CA PHE A 400 26.56 -8.60 10.00
C PHE A 400 25.64 -9.53 9.22
N ILE A 401 25.81 -9.56 7.90
CA ILE A 401 25.01 -10.41 7.04
C ILE A 401 25.25 -11.88 7.35
N GLU A 402 26.48 -12.20 7.75
CA GLU A 402 26.84 -13.56 8.13
C GLU A 402 26.07 -14.00 9.38
N ARG A 403 26.25 -13.26 10.47
CA ARG A 403 25.62 -13.58 11.75
C ARG A 403 24.09 -13.53 11.68
N TYR A 404 23.57 -12.69 10.80
CA TYR A 404 22.12 -12.54 10.64
C TYR A 404 21.47 -13.85 10.21
N PHE A 405 21.99 -14.45 9.15
CA PHE A 405 21.43 -15.69 8.62
C PHE A 405 21.88 -16.91 9.41
N GLN A 406 23.07 -16.86 9.99
CA GLN A 406 23.59 -17.98 10.78
C GLN A 406 22.83 -18.13 12.09
N SER A 407 22.26 -17.04 12.58
CA SER A 407 21.44 -17.06 13.79
C SER A 407 20.12 -17.78 13.52
N PHE A 408 19.66 -17.70 12.27
CA PHE A 408 18.38 -18.29 11.88
C PHE A 408 18.56 -19.20 10.68
N PRO A 409 19.10 -20.42 10.91
CA PRO A 409 19.53 -21.36 9.86
C PRO A 409 18.43 -21.80 8.89
N LYS A 410 17.23 -22.07 9.39
CA LYS A 410 16.16 -22.60 8.52
C LYS A 410 15.57 -21.56 7.57
N VAL A 411 15.98 -20.30 7.73
CA VAL A 411 15.50 -19.25 6.83
C VAL A 411 16.04 -19.45 5.42
N ARG A 412 17.34 -19.69 5.33
CA ARG A 412 17.98 -19.89 4.03
C ARG A 412 17.45 -21.14 3.35
N ALA A 413 17.12 -22.15 4.15
CA ALA A 413 16.57 -23.40 3.63
C ALA A 413 15.20 -23.19 3.02
N TRP A 414 14.36 -22.40 3.69
CA TRP A 414 13.03 -22.09 3.17
C TRP A 414 13.12 -21.32 1.86
N ILE A 415 14.08 -20.39 1.79
CA ILE A 415 14.29 -19.60 0.59
C ILE A 415 14.67 -20.47 -0.60
N GLU A 416 15.67 -21.33 -0.41
CA GLU A 416 16.13 -22.24 -1.45
C GLU A 416 15.00 -23.16 -1.90
N LYS A 417 14.20 -23.62 -0.94
CA LYS A 417 13.05 -24.47 -1.25
C LYS A 417 12.01 -23.69 -2.05
N THR A 418 11.74 -22.46 -1.63
CA THR A 418 10.76 -21.60 -2.30
C THR A 418 11.16 -21.32 -3.75
N LEU A 419 12.44 -21.04 -3.96
CA LEU A 419 12.94 -20.72 -5.30
C LEU A 419 12.91 -21.93 -6.24
N GLU A 420 13.26 -23.11 -5.72
CA GLU A 420 13.24 -24.33 -6.52
C GLU A 420 11.82 -24.68 -6.94
N GLU A 421 10.88 -24.59 -6.00
CA GLU A 421 9.47 -24.83 -6.28
C GLU A 421 8.95 -23.80 -7.28
N GLY A 422 9.43 -22.58 -7.14
CA GLY A 422 9.05 -21.50 -8.04
C GLY A 422 9.53 -21.77 -9.46
N ARG A 423 10.73 -22.33 -9.59
CA ARG A 423 11.26 -22.68 -10.90
C ARG A 423 10.49 -23.83 -11.54
N ARG A 424 10.09 -24.78 -10.72
CA ARG A 424 9.37 -25.96 -11.21
C ARG A 424 7.94 -25.64 -11.63
N ARG A 425 7.23 -24.90 -10.78
CA ARG A 425 5.81 -24.62 -11.01
C ARG A 425 5.60 -23.34 -11.83
N GLY A 426 6.56 -22.43 -11.78
CA GLY A 426 6.45 -21.17 -12.48
C GLY A 426 5.88 -20.06 -11.62
N TYR A 427 5.58 -20.40 -10.36
CA TYR A 427 5.02 -19.41 -9.43
C TYR A 427 5.35 -19.74 -7.98
N VAL A 428 5.28 -18.71 -7.15
CA VAL A 428 5.39 -18.89 -5.70
C VAL A 428 4.03 -18.61 -5.08
N GLU A 429 3.85 -18.96 -3.81
CA GLU A 429 2.56 -18.78 -3.17
C GLU A 429 2.64 -18.38 -1.70
N THR A 430 1.59 -17.71 -1.22
CA THR A 430 1.48 -17.36 0.19
C THR A 430 0.97 -18.56 0.98
N LEU A 431 0.82 -18.37 2.29
CA LEU A 431 0.35 -19.44 3.18
C LEU A 431 -1.05 -19.90 2.80
N PHE A 432 -1.85 -18.99 2.24
CA PHE A 432 -3.23 -19.31 1.89
C PHE A 432 -3.40 -19.66 0.42
N GLY A 433 -2.30 -19.66 -0.33
CA GLY A 433 -2.32 -20.10 -1.72
C GLY A 433 -2.46 -19.01 -2.76
N ARG A 434 -2.27 -17.75 -2.37
CA ARG A 434 -2.24 -16.66 -3.33
C ARG A 434 -0.97 -16.80 -4.16
N ARG A 435 -1.10 -16.66 -5.47
CA ARG A 435 0.02 -16.95 -6.37
C ARG A 435 0.64 -15.71 -7.02
N ARG A 436 1.94 -15.77 -7.27
CA ARG A 436 2.61 -14.81 -8.13
C ARG A 436 3.52 -15.54 -9.11
N TYR A 437 3.27 -15.34 -10.40
CA TYR A 437 4.08 -15.98 -11.43
C TYR A 437 5.39 -15.22 -11.66
N VAL A 438 6.51 -15.94 -11.54
CA VAL A 438 7.82 -15.36 -11.74
C VAL A 438 8.62 -16.20 -12.74
N PRO A 439 8.39 -15.96 -14.04
CA PRO A 439 9.05 -16.73 -15.10
C PRO A 439 10.55 -16.44 -15.19
N ASP A 440 10.98 -15.28 -14.69
CA ASP A 440 12.39 -14.90 -14.77
C ASP A 440 13.28 -15.66 -13.79
N LEU A 441 12.70 -16.60 -13.06
CA LEU A 441 13.48 -17.47 -12.17
C LEU A 441 14.38 -18.39 -12.99
N GLU A 442 14.06 -18.57 -14.26
CA GLU A 442 14.86 -19.39 -15.14
C GLU A 442 15.55 -18.56 -16.22
N ALA A 443 15.74 -17.27 -15.95
CA ALA A 443 16.47 -16.40 -16.85
C ALA A 443 17.94 -16.82 -16.90
N ARG A 444 18.53 -16.75 -18.07
CA ARG A 444 19.93 -17.14 -18.25
C ARG A 444 20.88 -15.99 -17.92
N VAL A 445 20.31 -14.81 -17.71
CA VAL A 445 21.07 -13.64 -17.29
C VAL A 445 21.01 -13.52 -15.77
N LYS A 446 22.16 -13.58 -15.12
CA LYS A 446 22.21 -13.65 -13.66
C LYS A 446 21.56 -12.47 -12.94
N SER A 447 21.84 -11.25 -13.40
CA SER A 447 21.29 -10.06 -12.78
C SER A 447 19.76 -10.04 -12.86
N VAL A 448 19.23 -10.55 -13.97
CA VAL A 448 17.79 -10.65 -14.16
C VAL A 448 17.22 -11.80 -13.32
N ARG A 449 17.90 -12.94 -13.36
CA ARG A 449 17.46 -14.10 -12.59
C ARG A 449 17.47 -13.82 -11.09
N GLU A 450 18.54 -13.20 -10.61
CA GLU A 450 18.68 -12.92 -9.18
C GLU A 450 17.73 -11.83 -8.71
N ALA A 451 17.41 -10.88 -9.59
CA ALA A 451 16.42 -9.86 -9.27
C ALA A 451 15.06 -10.53 -9.09
N ALA A 452 14.77 -11.49 -9.97
CA ALA A 452 13.52 -12.23 -9.91
C ALA A 452 13.45 -13.07 -8.64
N GLU A 453 14.59 -13.61 -8.23
CA GLU A 453 14.65 -14.42 -7.02
C GLU A 453 14.27 -13.60 -5.79
N ARG A 454 14.78 -12.39 -5.70
CA ARG A 454 14.45 -11.52 -4.57
C ARG A 454 12.97 -11.16 -4.55
N MET A 455 12.38 -11.01 -5.73
CA MET A 455 10.95 -10.78 -5.83
C MET A 455 10.21 -12.04 -5.40
N ALA A 456 10.72 -13.18 -5.82
CA ALA A 456 10.05 -14.46 -5.64
C ALA A 456 9.93 -14.91 -4.18
N PHE A 457 11.02 -14.83 -3.42
CA PHE A 457 10.97 -15.31 -2.04
C PHE A 457 10.43 -14.26 -1.06
N ASN A 458 10.32 -13.02 -1.52
CA ASN A 458 9.71 -11.97 -0.71
C ASN A 458 8.19 -12.07 -0.73
N MET A 459 7.64 -12.45 -1.88
CA MET A 459 6.20 -12.51 -2.08
C MET A 459 5.41 -13.37 -1.07
N PRO A 460 5.89 -14.60 -0.76
CA PRO A 460 5.12 -15.38 0.22
C PRO A 460 5.11 -14.73 1.60
N VAL A 461 6.16 -14.02 1.95
CA VAL A 461 6.24 -13.37 3.25
C VAL A 461 5.33 -12.13 3.30
N GLN A 462 5.56 -11.20 2.38
CA GLN A 462 4.77 -9.99 2.32
C GLN A 462 3.31 -10.30 2.02
N GLY A 463 3.09 -11.26 1.12
CA GLY A 463 1.75 -11.65 0.72
C GLY A 463 0.94 -12.30 1.83
N THR A 464 1.59 -13.12 2.64
CA THR A 464 0.92 -13.79 3.76
C THR A 464 0.48 -12.76 4.79
N ALA A 465 1.37 -11.82 5.09
CA ALA A 465 1.04 -10.73 5.99
C ALA A 465 -0.11 -9.91 5.42
N ALA A 466 -0.15 -9.78 4.09
CA ALA A 466 -1.23 -9.07 3.43
C ALA A 466 -2.54 -9.85 3.52
N ASP A 467 -2.46 -11.17 3.35
CA ASP A 467 -3.62 -12.05 3.50
C ASP A 467 -4.20 -11.95 4.90
N LEU A 468 -3.31 -11.94 5.90
CA LEU A 468 -3.73 -11.89 7.30
C LEU A 468 -4.46 -10.61 7.64
N MET A 469 -3.95 -9.48 7.15
CA MET A 469 -4.58 -8.20 7.40
C MET A 469 -5.97 -8.13 6.77
N LYS A 470 -6.06 -8.61 5.52
CA LYS A 470 -7.33 -8.65 4.81
C LYS A 470 -8.37 -9.48 5.57
N LEU A 471 -7.94 -10.64 6.06
CA LEU A 471 -8.82 -11.51 6.83
C LEU A 471 -9.27 -10.80 8.11
N ALA A 472 -8.34 -10.09 8.74
CA ALA A 472 -8.63 -9.35 9.96
C ALA A 472 -9.65 -8.24 9.70
N MET A 473 -9.51 -7.56 8.56
CA MET A 473 -10.43 -6.49 8.20
C MET A 473 -11.84 -7.01 7.99
N VAL A 474 -11.96 -8.14 7.31
CA VAL A 474 -13.25 -8.76 7.03
C VAL A 474 -13.95 -9.18 8.33
N LYS A 475 -13.19 -9.69 9.28
CA LYS A 475 -13.75 -10.11 10.56
C LYS A 475 -14.09 -8.91 11.45
N LEU A 476 -13.23 -7.89 11.41
CA LEU A 476 -13.36 -6.73 12.29
C LEU A 476 -14.51 -5.80 11.90
N PHE A 477 -14.72 -5.62 10.60
CA PHE A 477 -15.69 -4.66 10.09
C PHE A 477 -17.11 -4.77 10.67
N PRO A 478 -17.72 -5.98 10.68
CA PRO A 478 -19.07 -6.03 11.24
C PRO A 478 -19.11 -5.76 12.73
N ARG A 479 -18.02 -6.05 13.44
CA ARG A 479 -17.94 -5.77 14.87
C ARG A 479 -17.93 -4.26 15.11
N LEU A 480 -17.20 -3.54 14.28
CA LEU A 480 -17.12 -2.09 14.40
C LEU A 480 -18.46 -1.42 14.11
N GLU A 481 -19.14 -1.90 13.07
CA GLU A 481 -20.46 -1.39 12.71
C GLU A 481 -21.43 -1.51 13.88
N GLU A 482 -21.32 -2.61 14.62
CA GLU A 482 -22.19 -2.84 15.77
C GLU A 482 -21.86 -1.89 16.91
N MET A 483 -20.60 -1.44 16.98
CA MET A 483 -20.17 -0.54 18.05
C MET A 483 -20.30 0.93 17.64
N GLY A 484 -20.67 1.17 16.40
CA GLY A 484 -20.80 2.53 15.89
C GLY A 484 -19.46 3.17 15.62
N ALA A 485 -18.44 2.32 15.37
CA ALA A 485 -17.11 2.80 15.03
C ALA A 485 -16.88 2.70 13.52
N ARG A 486 -15.88 3.43 13.04
CA ARG A 486 -15.59 3.48 11.61
C ARG A 486 -14.20 2.95 11.29
N MET A 487 -14.10 2.12 10.27
CA MET A 487 -12.81 1.74 9.72
C MET A 487 -12.46 2.77 8.65
N LEU A 488 -11.32 3.42 8.81
CA LEU A 488 -10.97 4.55 7.93
C LEU A 488 -9.90 4.20 6.90
N LEU A 489 -8.75 3.75 7.38
CA LEU A 489 -7.61 3.51 6.52
C LEU A 489 -6.94 2.17 6.80
N GLN A 490 -6.32 1.60 5.77
CA GLN A 490 -5.42 0.48 5.95
C GLN A 490 -4.07 0.88 5.38
N VAL A 491 -3.02 0.71 6.17
CA VAL A 491 -1.67 0.98 5.69
C VAL A 491 -0.84 -0.29 5.78
N HIS A 492 -1.20 -1.27 4.95
CA HIS A 492 -0.48 -2.53 4.79
C HIS A 492 -0.62 -3.48 5.99
N ASP A 493 -0.07 -3.10 7.13
CA ASP A 493 -0.24 -3.90 8.34
C ASP A 493 -0.76 -3.06 9.49
N GLU A 494 -1.32 -1.91 9.14
CA GLU A 494 -1.90 -1.00 10.12
C GLU A 494 -3.33 -0.68 9.76
N LEU A 495 -4.19 -0.58 10.78
CA LEU A 495 -5.56 -0.10 10.58
C LEU A 495 -5.75 1.19 11.36
N VAL A 496 -6.44 2.14 10.75
CA VAL A 496 -6.81 3.37 11.44
C VAL A 496 -8.33 3.43 11.56
N LEU A 497 -8.81 3.50 12.79
CA LEU A 497 -10.24 3.53 13.05
C LEU A 497 -10.67 4.86 13.64
N GLU A 498 -11.96 5.14 13.59
CA GLU A 498 -12.53 6.32 14.23
C GLU A 498 -13.69 5.87 15.11
N ALA A 499 -13.59 6.15 16.41
CA ALA A 499 -14.60 5.71 17.36
C ALA A 499 -15.05 6.87 18.23
N PRO A 500 -16.31 6.83 18.69
CA PRO A 500 -16.80 7.81 19.67
C PRO A 500 -15.93 7.77 20.92
N LYS A 501 -15.66 8.93 21.52
CA LYS A 501 -14.77 9.04 22.67
C LYS A 501 -15.14 8.07 23.79
N GLU A 502 -16.44 7.88 24.01
CA GLU A 502 -16.92 7.02 25.08
C GLU A 502 -16.62 5.54 24.84
N ARG A 503 -16.46 5.16 23.57
CA ARG A 503 -16.27 3.76 23.22
C ARG A 503 -14.86 3.49 22.69
N ALA A 504 -14.02 4.51 22.70
CA ALA A 504 -12.68 4.43 22.10
C ALA A 504 -11.82 3.31 22.66
N GLU A 505 -11.74 3.19 23.98
CA GLU A 505 -10.92 2.17 24.61
C GLU A 505 -11.44 0.75 24.34
N ALA A 506 -12.76 0.59 24.41
CA ALA A 506 -13.37 -0.71 24.15
C ALA A 506 -13.15 -1.14 22.70
N VAL A 507 -13.27 -0.18 21.78
CA VAL A 507 -13.02 -0.44 20.37
C VAL A 507 -11.57 -0.85 20.15
N ALA A 508 -10.65 -0.13 20.78
CA ALA A 508 -9.22 -0.43 20.67
C ALA A 508 -8.90 -1.83 21.17
N ARG A 509 -9.47 -2.20 22.32
CA ARG A 509 -9.26 -3.51 22.89
C ARG A 509 -9.82 -4.62 22.00
N LEU A 510 -11.03 -4.42 21.48
CA LEU A 510 -11.67 -5.41 20.63
C LEU A 510 -10.90 -5.62 19.33
N ALA A 511 -10.56 -4.51 18.67
CA ALA A 511 -9.84 -4.57 17.40
C ALA A 511 -8.48 -5.23 17.56
N LYS A 512 -7.83 -4.98 18.69
CA LYS A 512 -6.55 -5.60 19.00
C LYS A 512 -6.68 -7.12 19.05
N GLU A 513 -7.70 -7.59 19.77
CA GLU A 513 -7.92 -9.03 19.94
C GLU A 513 -8.32 -9.70 18.63
N VAL A 514 -9.16 -9.04 17.85
CA VAL A 514 -9.57 -9.56 16.55
C VAL A 514 -8.37 -9.74 15.64
N MET A 515 -7.49 -8.74 15.61
CA MET A 515 -6.31 -8.76 14.77
C MET A 515 -5.28 -9.80 15.23
N GLU A 516 -5.14 -9.96 16.54
CA GLU A 516 -4.18 -10.90 17.09
C GLU A 516 -4.62 -12.36 16.93
N GLY A 517 -5.93 -12.59 16.97
CA GLY A 517 -6.46 -13.94 16.90
C GLY A 517 -7.12 -14.29 15.59
N VAL A 518 -6.76 -13.57 14.54
CA VAL A 518 -7.38 -13.76 13.22
C VAL A 518 -7.05 -15.14 12.62
N TYR A 519 -5.80 -15.55 12.75
CA TYR A 519 -5.33 -16.82 12.20
C TYR A 519 -4.01 -17.16 12.88
N PRO A 520 -4.07 -17.86 14.01
CA PRO A 520 -2.90 -18.22 14.83
C PRO A 520 -1.78 -18.87 14.03
N LEU A 521 -0.55 -18.43 14.29
CA LEU A 521 0.62 -19.00 13.64
C LEU A 521 1.47 -19.75 14.66
N ALA A 522 2.68 -20.15 14.25
CA ALA A 522 3.59 -20.82 15.14
C ALA A 522 4.14 -19.85 16.17
N VAL A 523 4.05 -18.56 15.86
CA VAL A 523 4.43 -17.51 16.79
C VAL A 523 3.21 -16.62 17.05
N PRO A 524 3.13 -16.01 18.24
CA PRO A 524 1.99 -15.14 18.53
C PRO A 524 2.01 -13.88 17.68
N LEU A 525 0.84 -13.47 17.19
CA LEU A 525 0.72 -12.19 16.50
C LEU A 525 0.44 -11.11 17.52
N GLU A 526 1.36 -10.15 17.63
CA GLU A 526 1.18 -9.03 18.55
C GLU A 526 0.82 -7.75 17.81
N VAL A 527 -0.11 -6.99 18.37
CA VAL A 527 -0.57 -5.75 17.76
C VAL A 527 -0.39 -4.58 18.72
N GLU A 528 0.31 -3.56 18.28
CA GLU A 528 0.43 -2.32 19.05
C GLU A 528 -0.74 -1.41 18.74
N VAL A 529 -1.34 -0.83 19.77
CA VAL A 529 -2.51 0.02 19.59
C VAL A 529 -2.36 1.34 20.36
N GLY A 530 -2.78 2.43 19.72
CA GLY A 530 -2.77 3.73 20.37
C GLY A 530 -4.04 4.51 20.05
N ILE A 531 -4.37 5.46 20.92
CA ILE A 531 -5.56 6.28 20.76
C ILE A 531 -5.17 7.76 20.83
N GLY A 532 -5.71 8.56 19.91
CA GLY A 532 -5.38 9.98 19.88
C GLY A 532 -6.32 10.82 19.04
N GLU A 533 -6.19 12.14 19.20
CA GLU A 533 -7.00 13.09 18.45
C GLU A 533 -6.52 13.23 17.01
N ASP A 534 -5.27 12.83 16.77
CA ASP A 534 -4.72 12.84 15.42
C ASP A 534 -3.91 11.56 15.16
N TRP A 535 -3.57 11.34 13.90
CA TRP A 535 -2.89 10.12 13.47
C TRP A 535 -1.53 9.94 14.15
N LEU A 536 -0.76 11.03 14.24
CA LEU A 536 0.55 10.97 14.88
C LEU A 536 0.44 10.60 16.35
N SER A 537 -0.46 11.28 17.06
CA SER A 537 -0.68 11.04 18.49
C SER A 537 -1.18 9.63 18.76
N ALA A 538 -1.90 9.07 17.78
CA ALA A 538 -2.49 7.75 17.94
C ALA A 538 -1.49 6.61 17.74
N LYS A 539 -0.29 6.92 17.27
CA LYS A 539 0.74 5.90 17.10
C LYS A 539 1.87 6.07 18.11
N GLU A 540 1.69 7.01 19.03
CA GLU A 540 2.69 7.25 20.07
C GLU A 540 2.26 6.62 21.39
N1 DOC B 12 6.33 0.33 4.07
C2 DOC B 12 6.96 -0.49 3.17
N3 DOC B 12 8.23 -0.19 2.75
C4 DOC B 12 8.90 0.90 3.20
C5 DOC B 12 8.27 1.75 4.11
C6 DOC B 12 6.96 1.45 4.55
O2 DOC B 12 6.41 -1.49 2.73
N4 DOC B 12 10.23 1.17 2.74
C1' DOC B 12 4.99 0.06 4.52
C2' DOC B 12 4.93 -0.80 5.72
C3' DOC B 12 4.51 0.08 6.83
C4' DOC B 12 3.72 1.11 6.17
O4' DOC B 12 4.30 1.25 4.83
C5' DOC B 12 3.85 2.37 6.89
O5' DOC B 12 5.15 2.84 7.13
P DOC B 12 5.37 4.30 7.57
OP1 DOC B 12 4.37 4.71 8.71
OP2 DOC B 12 6.88 4.46 7.98
MG MG D . 3.66 -3.34 11.82
MG MG E . 2.86 -0.64 9.88
C1 EDO F . 3.15 -6.43 5.50
O1 EDO F . 4.22 -5.98 4.66
C2 EDO F . 1.82 -5.94 4.92
O2 EDO F . 1.65 -6.47 3.60
C FMT G . -14.66 9.46 27.91
O1 FMT G . -15.10 8.65 28.73
O2 FMT G . -15.20 10.53 27.66
C1 EDO H . -11.34 -0.41 -8.92
O1 EDO H . -10.23 -0.60 -8.03
C2 EDO H . -12.61 -0.92 -8.25
O2 EDO H . -12.87 -0.13 -7.07
C FMT I . -20.32 4.59 4.53
O1 FMT I . -20.39 3.72 5.40
O2 FMT I . -21.16 5.48 4.39
C FMT J . -30.98 10.25 -13.14
O1 FMT J . -29.85 10.08 -13.60
O2 FMT J . -31.55 9.44 -12.40
O6 0L7 K . 12.27 -1.18 4.29
C6 0L7 K . 11.53 -2.19 4.14
N1 0L7 K . 11.88 -3.16 3.27
C2 0L7 K . 11.09 -4.25 3.09
N2 0L7 K . 11.45 -5.21 2.23
N3 0L7 K . 9.94 -4.40 3.79
C5 0L7 K . 10.35 -2.32 4.86
C4 0L7 K . 9.54 -3.44 4.66
C7 0L7 K . 9.64 -1.60 5.79
C32 0L7 K . 10.01 -0.42 6.33
C33 0L7 K . 10.34 0.61 6.80
C34 0L7 K . 10.71 1.87 7.45
C35 0L7 K . 12.20 2.19 7.28
C36 0L7 K . 12.52 2.59 5.83
N37 0L7 K . 12.73 1.40 5.03
C8 0L7 K . 8.49 -2.22 6.18
N9 0L7 K . 8.45 -3.35 5.45
C1' 0L7 K . 7.39 -4.38 5.54
C2' 0L7 K . 7.88 -5.37 6.58
C3' 0L7 K . 7.02 -5.09 7.80
O3' 0L7 K . 6.75 -6.30 8.50
O4' 0L7 K . 6.18 -3.80 6.02
C4' 0L7 K . 5.75 -4.48 7.20
C5' 0L7 K . 5.08 -3.50 8.15
O5' 0L7 K . 5.96 -2.39 8.35
PA 0L7 K . 6.18 -1.77 9.83
O1A 0L7 K . 6.77 -0.39 9.66
O2A 0L7 K . 4.97 -1.98 10.70
O3A 0L7 K . 7.37 -2.73 10.31
PB 0L7 K . 7.13 -3.89 11.40
O1B 0L7 K . 5.66 -4.23 11.47
O2B 0L7 K . 8.12 -4.99 11.07
O3B 0L7 K . 7.63 -3.12 12.72
PG 0L7 K . 6.64 -2.72 13.93
O3G 0L7 K . 6.75 -3.88 14.88
O2G 0L7 K . 7.25 -1.43 14.43
O1G 0L7 K . 5.29 -2.55 13.28
C1 EDO L . -10.87 -7.79 26.32
O1 EDO L . -10.52 -6.45 26.65
C2 EDO L . -11.16 -7.90 24.83
O2 EDO L . -12.24 -7.00 24.51
MG MG M . 14.64 13.71 -16.67
C1 EDO N . 23.68 5.68 1.95
O1 EDO N . 24.11 4.58 1.14
C2 EDO N . 24.71 6.80 1.87
O2 EDO N . 24.90 7.18 0.50
C FMT O . 1.57 1.82 17.07
O1 FMT O . 2.01 2.15 18.17
O2 FMT O . 0.39 1.90 16.74
MG MG P . -10.11 17.55 17.12
C FMT Q . 13.69 7.42 1.83
O1 FMT Q . 12.55 7.86 1.74
O2 FMT Q . 14.29 6.87 0.91
MG MG R . 8.92 4.92 -11.94
C FMT S . 12.74 1.59 -1.22
O1 FMT S . 13.24 0.97 -0.28
O2 FMT S . 12.34 1.06 -2.26
C1 EDO T . 12.18 -1.83 -4.37
O1 EDO T . 11.42 -0.63 -4.20
C2 EDO T . 11.86 -2.44 -5.73
O2 EDO T . 10.46 -2.71 -5.82
C FMT U . -3.00 11.99 -7.19
O1 FMT U . -3.63 12.20 -6.16
O2 FMT U . -3.38 11.22 -8.08
#